data_6Y2Z
#
_entry.id   6Y2Z
#
_cell.length_a   50.443
_cell.length_b   87.668
_cell.length_c   170.504
_cell.angle_alpha   90.000
_cell.angle_beta   90.000
_cell.angle_gamma   90.000
#
_symmetry.space_group_name_H-M   'P 21 21 21'
#
loop_
_entity.id
_entity.type
_entity.pdbx_description
1 polymer 'Signal recognition particle 54 kDa protein'
2 non-polymer 'PHOSPHATE ION'
3 non-polymer 'MAGNESIUM ION'
4 water water
#
_entity_poly.entity_id   1
_entity_poly.type   'polypeptide(L)'
_entity_poly.pdbx_seq_one_letter_code
;MGHHHHHMVLADLGRKITSALRSLSNATIINEEVLNAMLKEVCTALLEADVNIKLVKQLRENVKSAIDLEEMASGLNKRK
MIQHAVFKELVKLVDPGVKAWTPTKGKQNVIMFVGLQGSGKTTTCSKLAYYYQRKGWKTCLICADTFRAGAFDQLKQNAT
KARIPFYGSYTEMDPVIIASEGVEKFKNENFEIIIVDTSGRHKQEDSLFEEMLQVANAIQPDNIVYVMDASIGQACEAQA
KAFKDKVDVASVIVTKLDGHAKGGGALSAVAATKSPIIFIGTGEHIDDFEPFKTQPFISKLLG
;
_entity_poly.pdbx_strand_id   A,B
#
loop_
_chem_comp.id
_chem_comp.type
_chem_comp.name
_chem_comp.formula
MG non-polymer 'MAGNESIUM ION' 'Mg 2'
PO4 non-polymer 'PHOSPHATE ION' 'O4 P -3'
#
# COMPACT_ATOMS: atom_id res chain seq x y z
N HIS A 3 -0.85 19.83 -24.28
CA HIS A 3 0.12 19.17 -23.41
C HIS A 3 1.50 19.85 -23.45
N HIS A 4 1.48 21.17 -23.22
CA HIS A 4 2.64 22.02 -23.21
C HIS A 4 3.08 22.43 -21.81
N HIS A 5 2.29 22.09 -20.77
CA HIS A 5 2.41 22.79 -19.50
C HIS A 5 3.72 22.50 -18.79
N HIS A 6 4.19 21.26 -18.84
CA HIS A 6 5.27 20.82 -17.97
C HIS A 6 6.51 20.41 -18.77
N HIS A 7 7.67 20.57 -18.12
CA HIS A 7 8.96 20.16 -18.68
C HIS A 7 9.37 18.75 -18.26
N MET A 8 8.68 18.14 -17.30
CA MET A 8 9.06 16.85 -16.78
C MET A 8 7.80 16.18 -16.22
N VAL A 9 7.82 14.85 -16.22
CA VAL A 9 6.63 14.12 -15.78
C VAL A 9 6.38 14.38 -14.30
N LEU A 10 7.44 14.67 -13.52
CA LEU A 10 7.28 14.99 -12.11
C LEU A 10 7.39 16.50 -11.82
N ALA A 11 6.95 17.34 -12.77
CA ALA A 11 7.17 18.78 -12.68
C ALA A 11 6.68 19.37 -11.35
N ASP A 12 5.51 18.96 -10.87
CA ASP A 12 4.97 19.49 -9.60
C ASP A 12 5.86 19.13 -8.42
N LEU A 13 6.36 17.90 -8.38
CA LEU A 13 7.35 17.55 -7.36
C LEU A 13 8.64 18.35 -7.54
N GLY A 14 9.12 18.47 -8.79
CA GLY A 14 10.35 19.21 -9.01
C GLY A 14 10.25 20.68 -8.67
N ARG A 15 9.11 21.30 -8.98
CA ARG A 15 8.94 22.69 -8.62
C ARG A 15 9.04 22.89 -7.11
N LYS A 16 8.47 21.96 -6.31
CA LYS A 16 8.54 22.12 -4.85
C LYS A 16 9.95 21.91 -4.32
N ILE A 17 10.69 20.98 -4.91
CA ILE A 17 12.05 20.73 -4.45
C ILE A 17 12.98 21.87 -4.85
N THR A 18 12.84 22.40 -6.07
CA THR A 18 13.76 23.47 -6.44
C THR A 18 13.43 24.74 -5.66
N SER A 19 12.17 24.93 -5.29
CA SER A 19 11.84 26.05 -4.41
C SER A 19 12.52 25.89 -3.06
N ALA A 20 12.41 24.71 -2.45
CA ALA A 20 13.08 24.48 -1.17
C ALA A 20 14.57 24.77 -1.29
N LEU A 21 15.19 24.27 -2.36
CA LEU A 21 16.64 24.41 -2.52
C LEU A 21 17.03 25.85 -2.79
N ARG A 22 16.24 26.57 -3.58
CA ARG A 22 16.49 27.99 -3.80
C ARG A 22 16.44 28.78 -2.50
N SER A 23 15.44 28.52 -1.65
CA SER A 23 15.37 29.21 -0.36
C SER A 23 16.61 28.93 0.47
N LEU A 24 17.11 27.70 0.45
CA LEU A 24 18.30 27.44 1.23
C LEU A 24 19.52 28.13 0.63
N SER A 25 19.65 28.11 -0.68
CA SER A 25 20.82 28.75 -1.27
C SER A 25 20.78 30.27 -1.08
N ASN A 26 19.61 30.86 -0.81
CA ASN A 26 19.51 32.30 -0.59
C ASN A 26 19.51 32.70 0.88
N ALA A 27 19.51 31.74 1.81
CA ALA A 27 19.56 32.08 3.24
C ALA A 27 20.83 32.84 3.57
N THR A 28 20.70 33.92 4.34
CA THR A 28 21.87 34.77 4.58
C THR A 28 22.95 34.03 5.35
N ILE A 29 22.57 33.14 6.26
CA ILE A 29 23.51 32.26 6.93
C ILE A 29 22.97 30.83 6.87
N ILE A 30 23.86 29.88 6.60
CA ILE A 30 23.48 28.47 6.55
C ILE A 30 23.72 27.85 7.93
N ASN A 31 22.64 27.41 8.57
CA ASN A 31 22.69 26.80 9.89
C ASN A 31 21.73 25.62 9.93
N GLU A 32 21.71 24.91 11.06
CA GLU A 32 20.92 23.68 11.11
C GLU A 32 19.43 23.97 11.02
N GLU A 33 19.00 25.15 11.48
CA GLU A 33 17.61 25.55 11.32
C GLU A 33 17.25 25.72 9.85
N VAL A 34 18.12 26.41 9.10
CA VAL A 34 17.91 26.59 7.66
C VAL A 34 17.91 25.24 6.94
N LEU A 35 18.86 24.37 7.29
CA LEU A 35 18.91 23.05 6.67
C LEU A 35 17.63 22.25 6.96
N ASN A 36 17.19 22.24 8.22
CA ASN A 36 16.01 21.45 8.59
C ASN A 36 14.75 21.98 7.91
N ALA A 37 14.59 23.32 7.87
CA ALA A 37 13.53 23.91 7.06
C ALA A 37 13.51 23.37 5.64
N MET A 38 14.69 23.25 5.02
CA MET A 38 14.72 22.75 3.64
C MET A 38 14.30 21.29 3.59
N LEU A 39 14.83 20.47 4.50
CA LEU A 39 14.47 19.04 4.50
C LEU A 39 12.99 18.85 4.73
N LYS A 40 12.40 19.67 5.61
CA LYS A 40 10.96 19.64 5.84
C LYS A 40 10.19 19.86 4.54
N GLU A 41 10.56 20.90 3.77
CA GLU A 41 9.88 21.16 2.52
C GLU A 41 10.09 20.02 1.54
N VAL A 42 11.28 19.43 1.52
CA VAL A 42 11.57 18.35 0.58
C VAL A 42 10.80 17.10 0.96
N CYS A 43 10.85 16.71 2.24
CA CYS A 43 10.10 15.56 2.71
C CYS A 43 8.61 15.71 2.45
N THR A 44 8.06 16.89 2.73
CA THR A 44 6.64 17.13 2.46
C THR A 44 6.32 17.00 0.98
N ALA A 45 7.17 17.54 0.10
CA ALA A 45 6.92 17.43 -1.34
C ALA A 45 6.91 15.97 -1.77
N LEU A 46 7.81 15.16 -1.22
CA LEU A 46 7.87 13.74 -1.58
C LEU A 46 6.64 12.99 -1.07
N LEU A 47 6.15 13.33 0.14
CA LEU A 47 4.91 12.72 0.63
C LEU A 47 3.71 13.13 -0.22
N GLU A 48 3.70 14.38 -0.69
CA GLU A 48 2.66 14.85 -1.59
C GLU A 48 2.75 14.21 -2.99
N ALA A 49 3.88 13.57 -3.30
CA ALA A 49 4.05 12.79 -4.52
C ALA A 49 3.76 11.30 -4.29
N ASP A 50 3.25 10.94 -3.09
CA ASP A 50 2.86 9.59 -2.71
C ASP A 50 4.05 8.67 -2.52
N VAL A 51 5.22 9.23 -2.23
CA VAL A 51 6.34 8.42 -1.77
C VAL A 51 6.05 7.95 -0.35
N ASN A 52 6.40 6.70 -0.08
CA ASN A 52 6.09 6.12 1.21
C ASN A 52 6.91 6.78 2.31
N ILE A 53 6.25 6.99 3.46
CA ILE A 53 6.84 7.66 4.62
C ILE A 53 8.16 7.02 5.02
N LYS A 54 8.25 5.69 5.00
CA LYS A 54 9.51 5.03 5.35
C LYS A 54 10.66 5.47 4.43
N LEU A 55 10.37 5.61 3.14
CA LEU A 55 11.42 6.01 2.21
C LEU A 55 11.77 7.48 2.35
N VAL A 56 10.76 8.32 2.63
CA VAL A 56 11.01 9.73 2.92
C VAL A 56 11.81 9.90 4.21
N LYS A 57 11.48 9.14 5.24
CA LYS A 57 12.27 9.21 6.47
C LYS A 57 13.71 8.77 6.24
N GLN A 58 13.93 7.75 5.42
CA GLN A 58 15.29 7.31 5.15
C GLN A 58 16.07 8.34 4.33
N LEU A 59 15.42 9.00 3.38
CA LEU A 59 16.11 10.03 2.62
C LEU A 59 16.60 11.15 3.52
N ARG A 60 15.76 11.58 4.47
CA ARG A 60 16.14 12.69 5.34
C ARG A 60 17.32 12.31 6.20
N GLU A 61 17.26 11.14 6.83
CA GLU A 61 18.41 10.57 7.54
C GLU A 61 19.68 10.66 6.70
N ASN A 62 19.59 10.20 5.46
CA ASN A 62 20.79 10.12 4.61
C ASN A 62 21.36 11.51 4.34
N VAL A 63 20.50 12.48 4.04
CA VAL A 63 20.99 13.84 3.79
C VAL A 63 21.63 14.42 5.05
N LYS A 64 20.99 14.24 6.22
CA LYS A 64 21.60 14.71 7.45
C LYS A 64 22.90 13.97 7.75
N SER A 65 23.00 12.70 7.38
CA SER A 65 24.23 11.96 7.66
C SER A 65 25.35 12.35 6.71
N ALA A 66 25.01 12.83 5.51
CA ALA A 66 26.03 13.24 4.55
C ALA A 66 26.55 14.65 4.83
N ILE A 67 25.74 15.50 5.42
CA ILE A 67 26.12 16.88 5.66
C ILE A 67 26.70 16.98 7.07
N ASP A 68 27.86 17.62 7.19
CA ASP A 68 28.42 17.94 8.50
C ASP A 68 28.71 19.43 8.49
N LEU A 69 27.81 20.22 9.07
CA LEU A 69 27.93 21.67 9.02
C LEU A 69 28.97 22.20 10.00
N GLU A 70 29.03 21.65 11.21
CA GLU A 70 29.77 22.24 12.31
C GLU A 70 31.24 22.46 11.95
N GLU A 71 31.94 21.37 11.67
CA GLU A 71 33.30 21.39 11.19
C GLU A 71 33.28 20.87 9.76
N MET A 72 33.69 21.70 8.82
CA MET A 72 33.59 21.32 7.43
C MET A 72 34.85 21.61 6.66
N ALA A 73 35.08 20.72 5.68
CA ALA A 73 36.13 20.82 4.69
C ALA A 73 36.41 22.24 4.27
N SER A 74 37.68 22.59 4.19
CA SER A 74 38.03 23.84 3.57
C SER A 74 37.87 23.71 2.07
N GLY A 75 37.26 24.72 1.47
CA GLY A 75 37.19 24.83 0.04
C GLY A 75 35.86 24.51 -0.56
N LEU A 76 34.92 24.03 0.25
CA LEU A 76 33.61 23.63 -0.22
C LEU A 76 32.65 24.81 -0.14
N ASN A 77 31.75 24.89 -1.11
CA ASN A 77 30.60 25.80 -1.03
C ASN A 77 29.47 25.02 -0.36
N LYS A 78 29.13 25.38 0.89
CA LYS A 78 28.33 24.45 1.67
C LYS A 78 26.87 24.45 1.27
N ARG A 79 26.36 25.56 0.71
CA ARG A 79 25.02 25.50 0.11
C ARG A 79 25.01 24.57 -1.09
N LYS A 80 26.07 24.56 -1.89
CA LYS A 80 26.14 23.67 -3.04
C LYS A 80 26.29 22.22 -2.61
N MET A 81 27.10 21.97 -1.58
CA MET A 81 27.22 20.62 -1.05
C MET A 81 25.88 20.08 -0.58
N ILE A 82 25.07 20.94 0.07
CA ILE A 82 23.78 20.49 0.56
C ILE A 82 22.85 20.16 -0.59
N GLN A 83 22.86 20.99 -1.65
CA GLN A 83 22.05 20.68 -2.82
C GLN A 83 22.51 19.39 -3.50
N HIS A 84 23.83 19.14 -3.55
CA HIS A 84 24.30 17.90 -4.15
C HIS A 84 23.88 16.71 -3.31
N ALA A 85 23.93 16.85 -1.97
CA ALA A 85 23.47 15.77 -1.11
C ALA A 85 22.01 15.43 -1.39
N VAL A 86 21.18 16.45 -1.58
CA VAL A 86 19.78 16.19 -1.84
C VAL A 86 19.60 15.56 -3.22
N PHE A 87 20.25 16.10 -4.24
CA PHE A 87 20.23 15.50 -5.57
C PHE A 87 20.60 14.01 -5.51
N LYS A 88 21.72 13.71 -4.86
CA LYS A 88 22.21 12.34 -4.81
C LYS A 88 21.18 11.42 -4.17
N GLU A 89 20.52 11.91 -3.12
CA GLU A 89 19.57 11.09 -2.39
C GLU A 89 18.28 10.93 -3.19
N LEU A 90 17.94 11.91 -4.02
CA LEU A 90 16.80 11.73 -4.93
C LEU A 90 17.11 10.70 -6.01
N VAL A 91 18.36 10.61 -6.47
CA VAL A 91 18.67 9.57 -7.46
C VAL A 91 18.56 8.20 -6.82
N LYS A 92 19.11 8.02 -5.61
CA LYS A 92 18.97 6.74 -4.91
C LYS A 92 17.51 6.36 -4.72
N LEU A 93 16.65 7.35 -4.48
CA LEU A 93 15.26 7.01 -4.13
C LEU A 93 14.53 6.32 -5.29
N VAL A 94 14.88 6.66 -6.53
CA VAL A 94 14.28 6.04 -7.71
C VAL A 94 15.19 5.02 -8.35
N ASP A 95 16.28 4.66 -7.69
CA ASP A 95 17.25 3.75 -8.27
C ASP A 95 17.21 2.40 -7.60
N PRO A 96 17.14 1.30 -8.36
CA PRO A 96 17.03 -0.05 -7.73
C PRO A 96 18.30 -0.53 -7.06
N GLY A 97 19.44 0.12 -7.29
CA GLY A 97 20.68 -0.38 -6.73
C GLY A 97 21.19 -1.61 -7.43
N VAL A 98 20.67 -1.89 -8.62
CA VAL A 98 20.88 -3.18 -9.27
C VAL A 98 20.91 -2.92 -10.77
N LYS A 99 21.83 -3.60 -11.47
CA LYS A 99 21.92 -3.45 -12.92
C LYS A 99 20.84 -4.27 -13.59
N ALA A 100 20.22 -3.69 -14.61
CA ALA A 100 19.17 -4.38 -15.32
C ALA A 100 19.77 -5.30 -16.38
N TRP A 101 19.06 -6.39 -16.68
CA TRP A 101 19.47 -7.29 -17.75
C TRP A 101 19.48 -6.55 -19.09
N THR A 102 20.46 -6.85 -19.94
CA THR A 102 20.45 -6.34 -21.31
C THR A 102 20.70 -7.48 -22.28
N PRO A 103 20.11 -7.42 -23.47
CA PRO A 103 20.41 -8.43 -24.49
C PRO A 103 21.89 -8.42 -24.84
N THR A 104 22.38 -9.57 -25.26
CA THR A 104 23.76 -9.76 -25.70
C THR A 104 23.82 -9.82 -27.22
N LYS A 105 24.70 -9.02 -27.82
CA LYS A 105 24.83 -9.01 -29.27
C LYS A 105 25.57 -10.24 -29.75
N GLY A 106 25.03 -10.87 -30.79
CA GLY A 106 25.56 -12.13 -31.27
C GLY A 106 24.90 -13.33 -30.66
N LYS A 107 24.09 -13.12 -29.62
CA LYS A 107 23.29 -14.13 -28.96
C LYS A 107 21.84 -13.97 -29.42
N GLN A 108 21.04 -15.01 -29.20
CA GLN A 108 19.58 -14.90 -29.35
C GLN A 108 19.00 -14.63 -27.97
N ASN A 109 18.11 -13.63 -27.88
CA ASN A 109 17.61 -13.15 -26.59
C ASN A 109 16.10 -13.22 -26.62
N VAL A 110 15.53 -13.96 -25.67
CA VAL A 110 14.08 -14.18 -25.58
C VAL A 110 13.54 -13.35 -24.41
N ILE A 111 12.62 -12.43 -24.72
CA ILE A 111 12.03 -11.50 -23.78
C ILE A 111 10.53 -11.76 -23.71
N MET A 112 10.03 -12.05 -22.52
CA MET A 112 8.63 -12.36 -22.33
C MET A 112 7.99 -11.24 -21.52
N PHE A 113 6.82 -10.78 -21.96
CA PHE A 113 6.07 -9.72 -21.29
C PHE A 113 4.92 -10.30 -20.49
N VAL A 114 4.67 -9.70 -19.31
CA VAL A 114 3.50 -10.01 -18.49
C VAL A 114 2.94 -8.69 -17.96
N GLY A 115 1.63 -8.67 -17.73
CA GLY A 115 1.00 -7.52 -17.13
C GLY A 115 -0.46 -7.77 -16.86
N LEU A 116 -1.00 -7.02 -15.91
CA LEU A 116 -2.42 -7.08 -15.64
C LEU A 116 -3.18 -6.21 -16.64
N GLN A 117 -4.51 -6.38 -16.66
CA GLN A 117 -5.37 -5.58 -17.51
C GLN A 117 -5.22 -4.09 -17.18
N GLY A 118 -5.13 -3.26 -18.23
CA GLY A 118 -4.91 -1.85 -18.02
C GLY A 118 -3.46 -1.46 -17.85
N SER A 119 -2.54 -2.41 -17.97
CA SER A 119 -1.12 -2.11 -17.82
C SER A 119 -0.51 -1.46 -19.05
N GLY A 120 -1.18 -1.55 -20.20
CA GLY A 120 -0.55 -1.19 -21.46
C GLY A 120 0.51 -2.16 -21.93
N LYS A 121 0.40 -3.43 -21.54
CA LYS A 121 1.42 -4.44 -21.89
C LYS A 121 1.61 -4.58 -23.40
N THR A 122 0.53 -4.71 -24.14
CA THR A 122 0.66 -5.07 -25.55
C THR A 122 1.29 -3.94 -26.39
N THR A 123 0.87 -2.67 -26.18
CA THR A 123 1.52 -1.56 -26.87
C THR A 123 3.00 -1.49 -26.50
N THR A 124 3.31 -1.72 -25.23
CA THR A 124 4.68 -1.74 -24.75
C THR A 124 5.54 -2.78 -25.49
N CYS A 125 4.94 -3.92 -25.87
CA CYS A 125 5.66 -4.93 -26.65
C CYS A 125 6.18 -4.37 -27.98
N SER A 126 5.26 -3.83 -28.79
CA SER A 126 5.69 -3.25 -30.07
C SER A 126 6.69 -2.12 -29.88
N LYS A 127 6.54 -1.33 -28.78
CA LYS A 127 7.49 -0.26 -28.53
C LYS A 127 8.88 -0.81 -28.27
N LEU A 128 8.97 -1.87 -27.45
CA LEU A 128 10.29 -2.42 -27.18
C LEU A 128 10.90 -3.00 -28.45
N ALA A 129 10.06 -3.61 -29.29
CA ALA A 129 10.52 -4.16 -30.56
C ALA A 129 11.03 -3.07 -31.49
N TYR A 130 10.26 -1.98 -31.61
CA TYR A 130 10.68 -0.83 -32.42
C TYR A 130 12.02 -0.30 -31.93
N TYR A 131 12.13 -0.09 -30.62
CA TYR A 131 13.39 0.34 -30.01
C TYR A 131 14.56 -0.52 -30.51
N TYR A 132 14.46 -1.85 -30.38
CA TYR A 132 15.59 -2.69 -30.75
C TYR A 132 15.78 -2.73 -32.27
N GLN A 133 14.67 -2.80 -33.02
CA GLN A 133 14.77 -2.73 -34.47
C GLN A 133 15.53 -1.48 -34.91
N ARG A 134 15.22 -0.34 -34.27
CA ARG A 134 15.87 0.91 -34.64
C ARG A 134 17.34 0.90 -34.29
N LYS A 135 17.74 0.13 -33.29
CA LYS A 135 19.14 0.06 -32.91
C LYS A 135 19.89 -0.99 -33.71
N GLY A 136 19.28 -1.52 -34.76
CA GLY A 136 19.96 -2.45 -35.65
C GLY A 136 19.87 -3.91 -35.27
N TRP A 137 19.07 -4.28 -34.29
CA TRP A 137 18.87 -5.68 -33.98
C TRP A 137 17.78 -6.30 -34.84
N LYS A 138 17.95 -7.56 -35.17
CA LYS A 138 16.94 -8.30 -35.91
C LYS A 138 15.91 -8.79 -34.90
N THR A 139 14.71 -8.20 -34.94
CA THR A 139 13.76 -8.36 -33.86
C THR A 139 12.41 -8.80 -34.40
N CYS A 140 11.63 -9.46 -33.53
CA CYS A 140 10.36 -10.07 -33.92
C CYS A 140 9.43 -10.11 -32.72
N LEU A 141 8.14 -10.28 -33.01
CA LEU A 141 7.09 -10.34 -32.02
C LEU A 141 6.31 -11.63 -32.17
N ILE A 142 5.93 -12.21 -31.03
CA ILE A 142 5.09 -13.39 -30.95
C ILE A 142 3.92 -13.04 -30.06
N CYS A 143 2.70 -13.34 -30.53
CA CYS A 143 1.51 -13.25 -29.70
C CYS A 143 1.19 -14.66 -29.23
N ALA A 144 1.50 -14.95 -27.97
CA ALA A 144 1.13 -16.22 -27.36
C ALA A 144 -0.27 -16.08 -26.74
N ASP A 145 -1.25 -15.99 -27.62
CA ASP A 145 -2.63 -15.79 -27.22
C ASP A 145 -3.51 -16.21 -28.39
N THR A 146 -4.81 -16.32 -28.13
CA THR A 146 -5.76 -16.67 -29.17
C THR A 146 -5.96 -15.52 -30.17
N PHE A 147 -6.16 -15.88 -31.44
CA PHE A 147 -6.46 -14.87 -32.45
C PHE A 147 -7.77 -14.13 -32.17
N ARG A 148 -8.63 -14.68 -31.31
CA ARG A 148 -9.88 -14.01 -30.96
C ARG A 148 -9.69 -12.88 -29.95
N ALA A 149 -8.53 -12.81 -29.30
CA ALA A 149 -8.24 -11.74 -28.35
C ALA A 149 -8.00 -10.42 -29.07
N GLY A 150 -8.56 -9.34 -28.50
CA GLY A 150 -8.35 -8.01 -29.08
C GLY A 150 -6.87 -7.65 -29.21
N ALA A 151 -6.06 -8.03 -28.21
CA ALA A 151 -4.63 -7.77 -28.23
C ALA A 151 -3.90 -8.55 -29.32
N PHE A 152 -4.52 -9.55 -29.94
CA PHE A 152 -3.89 -10.23 -31.07
C PHE A 152 -3.85 -9.31 -32.28
N ASP A 153 -5.02 -8.83 -32.71
CA ASP A 153 -5.07 -7.87 -33.80
C ASP A 153 -4.24 -6.63 -33.46
N GLN A 154 -4.30 -6.19 -32.20
CA GLN A 154 -3.57 -4.99 -31.81
C GLN A 154 -2.08 -5.15 -32.04
N LEU A 155 -1.48 -6.24 -31.53
CA LEU A 155 -0.06 -6.46 -31.75
C LEU A 155 0.26 -6.69 -33.23
N LYS A 156 -0.62 -7.39 -33.95
CA LYS A 156 -0.36 -7.65 -35.37
C LYS A 156 -0.37 -6.36 -36.19
N GLN A 157 -1.41 -5.55 -36.03
CA GLN A 157 -1.47 -4.30 -36.77
C GLN A 157 -0.34 -3.35 -36.36
N ASN A 158 0.03 -3.33 -35.08
CA ASN A 158 1.19 -2.51 -34.69
C ASN A 158 2.48 -3.03 -35.35
N ALA A 159 2.66 -4.36 -35.38
CA ALA A 159 3.84 -4.94 -36.03
C ALA A 159 3.86 -4.61 -37.51
N THR A 160 2.72 -4.72 -38.18
CA THR A 160 2.66 -4.43 -39.61
C THR A 160 3.11 -3.01 -39.91
N LYS A 161 2.56 -2.03 -39.19
CA LYS A 161 2.91 -0.64 -39.44
C LYS A 161 4.40 -0.42 -39.27
N ALA A 162 4.99 -1.04 -38.25
CA ALA A 162 6.40 -0.87 -37.95
C ALA A 162 7.29 -1.79 -38.78
N ARG A 163 6.70 -2.66 -39.61
CA ARG A 163 7.44 -3.66 -40.39
C ARG A 163 8.29 -4.54 -39.48
N ILE A 164 7.69 -5.00 -38.40
CA ILE A 164 8.32 -5.93 -37.47
C ILE A 164 7.69 -7.30 -37.69
N PRO A 165 8.49 -8.36 -37.92
CA PRO A 165 7.91 -9.70 -38.15
C PRO A 165 7.10 -10.19 -36.95
N PHE A 166 5.92 -10.75 -37.24
CA PHE A 166 4.94 -11.13 -36.25
C PHE A 166 4.57 -12.60 -36.42
N TYR A 167 4.45 -13.32 -35.30
CA TYR A 167 3.98 -14.70 -35.31
C TYR A 167 2.79 -14.86 -34.37
N GLY A 168 1.64 -15.25 -34.94
CA GLY A 168 0.51 -15.71 -34.17
C GLY A 168 -0.12 -16.90 -34.87
N SER A 169 -1.04 -17.56 -34.15
CA SER A 169 -1.71 -18.73 -34.70
C SER A 169 -3.16 -18.42 -35.06
N TYR A 170 -3.60 -18.87 -36.22
CA TYR A 170 -4.99 -18.72 -36.63
C TYR A 170 -5.80 -20.00 -36.37
N THR A 171 -5.28 -20.93 -35.56
CA THR A 171 -6.05 -22.12 -35.16
C THR A 171 -5.77 -22.56 -33.72
N GLU A 172 -4.50 -22.47 -33.30
CA GLU A 172 -4.07 -23.15 -32.08
C GLU A 172 -4.67 -22.50 -30.85
N MET A 173 -5.29 -23.31 -30.01
CA MET A 173 -5.90 -22.75 -28.82
C MET A 173 -4.90 -22.54 -27.69
N ASP A 174 -3.83 -23.33 -27.64
CA ASP A 174 -3.01 -23.38 -26.44
C ASP A 174 -1.90 -22.35 -26.49
N PRO A 175 -1.92 -21.32 -25.63
CA PRO A 175 -0.88 -20.27 -25.71
C PRO A 175 0.53 -20.76 -25.42
N VAL A 176 0.71 -21.82 -24.64
CA VAL A 176 2.04 -22.36 -24.39
C VAL A 176 2.62 -22.97 -25.68
N ILE A 177 1.82 -23.74 -26.40
CA ILE A 177 2.26 -24.31 -27.67
C ILE A 177 2.57 -23.19 -28.67
N ILE A 178 1.70 -22.18 -28.75
CA ILE A 178 1.92 -21.03 -29.63
C ILE A 178 3.28 -20.41 -29.37
N ALA A 179 3.56 -20.10 -28.09
CA ALA A 179 4.83 -19.46 -27.74
C ALA A 179 6.02 -20.34 -28.11
N SER A 180 5.97 -21.62 -27.72
CA SER A 180 7.00 -22.58 -28.08
C SER A 180 7.25 -22.58 -29.57
N GLU A 181 6.18 -22.75 -30.35
CA GLU A 181 6.32 -22.78 -31.80
C GLU A 181 6.87 -21.46 -32.33
N GLY A 182 6.37 -20.34 -31.79
CA GLY A 182 6.86 -19.04 -32.23
C GLY A 182 8.35 -18.86 -31.98
N VAL A 183 8.80 -19.17 -30.76
CA VAL A 183 10.22 -19.00 -30.43
C VAL A 183 11.08 -19.95 -31.26
N GLU A 184 10.60 -21.17 -31.50
CA GLU A 184 11.36 -22.09 -32.35
C GLU A 184 11.56 -21.51 -33.74
N LYS A 185 10.48 -21.01 -34.34
CA LYS A 185 10.57 -20.52 -35.70
C LYS A 185 11.55 -19.36 -35.80
N PHE A 186 11.47 -18.42 -34.84
CA PHE A 186 12.31 -17.23 -34.94
C PHE A 186 13.76 -17.50 -34.57
N LYS A 187 14.01 -18.41 -33.63
CA LYS A 187 15.38 -18.87 -33.41
C LYS A 187 15.93 -19.54 -34.67
N ASN A 188 15.11 -20.33 -35.35
CA ASN A 188 15.60 -20.99 -36.55
C ASN A 188 15.88 -19.98 -37.65
N GLU A 189 15.24 -18.82 -37.63
CA GLU A 189 15.47 -17.79 -38.63
C GLU A 189 16.46 -16.73 -38.14
N ASN A 190 17.22 -17.04 -37.09
CA ASN A 190 18.42 -16.30 -36.67
C ASN A 190 18.08 -14.92 -36.08
N PHE A 191 16.90 -14.76 -35.51
CA PHE A 191 16.54 -13.49 -34.88
C PHE A 191 17.32 -13.27 -33.59
N GLU A 192 17.63 -12.00 -33.31
CA GLU A 192 18.41 -11.63 -32.12
C GLU A 192 17.55 -11.22 -30.94
N ILE A 193 16.41 -10.59 -31.18
CA ILE A 193 15.50 -10.14 -30.15
C ILE A 193 14.13 -10.74 -30.46
N ILE A 194 13.66 -11.63 -29.57
CA ILE A 194 12.43 -12.36 -29.74
C ILE A 194 11.52 -12.00 -28.57
N ILE A 195 10.46 -11.25 -28.84
CA ILE A 195 9.61 -10.68 -27.79
C ILE A 195 8.29 -11.42 -27.79
N VAL A 196 7.89 -11.91 -26.61
CA VAL A 196 6.70 -12.74 -26.47
C VAL A 196 5.68 -11.99 -25.61
N ASP A 197 4.51 -11.70 -26.19
CA ASP A 197 3.39 -11.13 -25.46
C ASP A 197 2.50 -12.27 -24.98
N THR A 198 2.08 -12.20 -23.72
CA THR A 198 1.15 -13.16 -23.14
C THR A 198 -0.19 -12.46 -22.93
N SER A 199 -1.17 -13.21 -22.45
CA SER A 199 -2.49 -12.65 -22.26
C SER A 199 -2.46 -11.60 -21.16
N GLY A 200 -3.06 -10.45 -21.42
CA GLY A 200 -3.19 -9.40 -20.43
C GLY A 200 -4.50 -9.40 -19.69
N ARG A 201 -5.40 -10.35 -19.96
CA ARG A 201 -6.74 -10.37 -19.38
C ARG A 201 -6.74 -11.05 -18.01
N HIS A 202 -5.95 -10.49 -17.12
CA HIS A 202 -5.89 -10.92 -15.73
C HIS A 202 -6.12 -9.70 -14.85
N LYS A 203 -7.01 -9.86 -13.87
CA LYS A 203 -7.18 -8.84 -12.84
C LYS A 203 -6.36 -9.14 -11.60
N GLN A 204 -6.15 -10.43 -11.29
CA GLN A 204 -5.51 -10.88 -10.06
C GLN A 204 -4.10 -11.38 -10.36
N GLU A 205 -3.22 -11.25 -9.37
CA GLU A 205 -1.86 -11.77 -9.52
C GLU A 205 -1.86 -13.29 -9.65
N ASP A 206 -2.78 -13.96 -8.95
CA ASP A 206 -2.83 -15.42 -8.92
C ASP A 206 -2.86 -16.01 -10.33
N SER A 207 -3.90 -15.66 -11.09
CA SER A 207 -4.03 -16.18 -12.45
C SER A 207 -2.92 -15.66 -13.36
N LEU A 208 -2.48 -14.42 -13.16
CA LEU A 208 -1.42 -13.86 -13.99
C LEU A 208 -0.11 -14.64 -13.83
N PHE A 209 0.30 -14.89 -12.59
CA PHE A 209 1.58 -15.55 -12.37
C PHE A 209 1.51 -17.05 -12.67
N GLU A 210 0.32 -17.64 -12.59
CA GLU A 210 0.12 -19.00 -13.05
C GLU A 210 0.47 -19.14 -14.53
N GLU A 211 -0.26 -18.43 -15.38
CA GLU A 211 0.04 -18.48 -16.80
C GLU A 211 1.46 -18.05 -17.08
N MET A 212 1.99 -17.09 -16.31
CA MET A 212 3.37 -16.67 -16.51
C MET A 212 4.35 -17.83 -16.38
N LEU A 213 4.21 -18.64 -15.36
CA LEU A 213 5.19 -19.70 -15.20
C LEU A 213 5.03 -20.77 -16.26
N GLN A 214 3.79 -21.04 -16.70
CA GLN A 214 3.54 -22.01 -17.76
C GLN A 214 4.30 -21.64 -19.02
N VAL A 215 4.16 -20.38 -19.44
CA VAL A 215 4.83 -19.93 -20.64
C VAL A 215 6.34 -19.81 -20.43
N ALA A 216 6.75 -19.31 -19.26
CA ALA A 216 8.17 -19.25 -18.93
C ALA A 216 8.84 -20.61 -19.07
N ASN A 217 8.27 -21.63 -18.42
CA ASN A 217 8.88 -22.95 -18.45
C ASN A 217 9.01 -23.48 -19.87
N ALA A 218 8.02 -23.21 -20.72
CA ALA A 218 8.07 -23.71 -22.08
C ALA A 218 9.16 -23.04 -22.91
N ILE A 219 9.35 -21.74 -22.75
CA ILE A 219 10.23 -21.01 -23.67
C ILE A 219 11.55 -20.57 -23.05
N GLN A 220 11.74 -20.71 -21.74
CA GLN A 220 13.01 -20.42 -21.09
C GLN A 220 13.48 -18.98 -21.34
N PRO A 221 12.68 -17.97 -21.03
CA PRO A 221 13.05 -16.61 -21.43
C PRO A 221 14.32 -16.13 -20.76
N ASP A 222 15.01 -15.21 -21.41
CA ASP A 222 16.22 -14.64 -20.81
C ASP A 222 15.88 -13.54 -19.81
N ASN A 223 14.69 -12.99 -19.90
CA ASN A 223 14.27 -11.83 -19.14
C ASN A 223 12.74 -11.80 -19.20
N ILE A 224 12.11 -11.45 -18.09
CA ILE A 224 10.67 -11.25 -18.06
C ILE A 224 10.42 -9.82 -17.64
N VAL A 225 9.60 -9.11 -18.43
CA VAL A 225 9.29 -7.72 -18.17
C VAL A 225 7.87 -7.65 -17.65
N TYR A 226 7.70 -7.08 -16.46
CA TYR A 226 6.38 -6.82 -15.90
C TYR A 226 6.00 -5.40 -16.27
N VAL A 227 4.86 -5.23 -16.92
CA VAL A 227 4.39 -3.90 -17.28
C VAL A 227 3.36 -3.44 -16.24
N MET A 228 3.57 -2.25 -15.66
CA MET A 228 2.79 -1.73 -14.54
C MET A 228 2.25 -0.33 -14.82
N ASP A 229 0.97 -0.14 -14.50
CA ASP A 229 0.31 1.15 -14.46
C ASP A 229 0.77 1.92 -13.22
N ALA A 230 1.56 2.98 -13.43
CA ALA A 230 2.13 3.71 -12.30
C ALA A 230 1.14 4.63 -11.61
N SER A 231 -0.08 4.77 -12.13
CA SER A 231 -1.00 5.66 -11.46
C SER A 231 -1.47 5.13 -10.10
N ILE A 232 -1.08 3.92 -9.67
CA ILE A 232 -1.40 3.53 -8.30
C ILE A 232 -0.36 3.99 -7.30
N GLY A 233 0.67 4.69 -7.74
CA GLY A 233 1.58 5.28 -6.77
C GLY A 233 2.33 4.22 -5.99
N GLN A 234 2.41 4.41 -4.66
CA GLN A 234 3.25 3.56 -3.82
C GLN A 234 2.69 2.14 -3.63
N ALA A 235 1.41 1.90 -3.93
CA ALA A 235 0.92 0.52 -4.01
C ALA A 235 1.63 -0.28 -5.09
N CYS A 236 2.46 0.37 -5.93
CA CYS A 236 3.29 -0.40 -6.85
C CYS A 236 4.28 -1.29 -6.13
N GLU A 237 4.60 -0.99 -4.87
CA GLU A 237 5.64 -1.76 -4.19
C GLU A 237 5.21 -3.22 -4.01
N ALA A 238 4.03 -3.44 -3.44
CA ALA A 238 3.59 -4.82 -3.24
C ALA A 238 3.48 -5.53 -4.58
N GLN A 239 3.01 -4.81 -5.60
CA GLN A 239 2.86 -5.42 -6.90
C GLN A 239 4.22 -5.85 -7.46
N ALA A 240 5.22 -4.97 -7.33
CA ALA A 240 6.53 -5.29 -7.89
C ALA A 240 7.20 -6.38 -7.08
N LYS A 241 7.05 -6.34 -5.75
CA LYS A 241 7.64 -7.39 -4.91
C LYS A 241 7.15 -8.78 -5.30
N ALA A 242 5.84 -8.92 -5.53
CA ALA A 242 5.29 -10.25 -5.81
C ALA A 242 5.79 -10.78 -7.14
N PHE A 243 5.95 -9.89 -8.13
CA PHE A 243 6.59 -10.27 -9.37
C PHE A 243 8.02 -10.68 -9.14
N LYS A 244 8.80 -9.82 -8.48
CA LYS A 244 10.23 -10.07 -8.30
C LYS A 244 10.49 -11.38 -7.56
N ASP A 245 9.63 -11.73 -6.60
CA ASP A 245 9.82 -12.98 -5.87
C ASP A 245 9.55 -14.21 -6.72
N LYS A 246 8.98 -14.05 -7.91
CA LYS A 246 8.59 -15.19 -8.71
C LYS A 246 9.48 -15.44 -9.92
N VAL A 247 10.39 -14.52 -10.25
CA VAL A 247 11.24 -14.72 -11.41
C VAL A 247 12.68 -14.36 -11.04
N ASP A 248 13.61 -14.97 -11.77
CA ASP A 248 15.03 -14.71 -11.58
C ASP A 248 15.45 -13.37 -12.19
N VAL A 249 15.25 -13.22 -13.49
CA VAL A 249 15.72 -12.04 -14.24
C VAL A 249 14.49 -11.17 -14.49
N ALA A 250 14.28 -10.19 -13.62
CA ALA A 250 13.05 -9.42 -13.56
C ALA A 250 13.30 -7.98 -14.00
N SER A 251 12.44 -7.47 -14.85
CA SER A 251 12.50 -6.07 -15.23
C SER A 251 11.08 -5.54 -15.24
N VAL A 252 10.98 -4.22 -15.12
CA VAL A 252 9.69 -3.53 -15.07
C VAL A 252 9.69 -2.40 -16.09
N ILE A 253 8.57 -2.24 -16.77
CA ILE A 253 8.27 -1.05 -17.54
C ILE A 253 7.04 -0.43 -16.95
N VAL A 254 7.11 0.86 -16.69
CA VAL A 254 6.05 1.62 -16.08
C VAL A 254 5.33 2.38 -17.19
N THR A 255 4.00 2.39 -17.13
CA THR A 255 3.18 3.24 -17.97
C THR A 255 2.28 4.10 -17.08
N LYS A 256 1.59 5.03 -17.72
CA LYS A 256 0.66 5.94 -17.05
C LYS A 256 1.34 6.71 -15.92
N LEU A 257 2.57 7.16 -16.19
CA LEU A 257 3.34 7.90 -15.21
C LEU A 257 2.89 9.36 -15.14
N ASP A 258 2.15 9.81 -16.13
CA ASP A 258 1.69 11.18 -16.25
C ASP A 258 0.20 11.27 -15.92
N GLY A 259 -0.25 12.50 -15.69
CA GLY A 259 -1.66 12.77 -15.53
C GLY A 259 -2.18 12.59 -14.12
N HIS A 260 -1.29 12.55 -13.14
CA HIS A 260 -1.61 12.37 -11.73
C HIS A 260 -0.36 12.78 -10.98
N ALA A 261 -0.49 12.93 -9.66
CA ALA A 261 0.61 13.41 -8.85
C ALA A 261 1.48 12.30 -8.28
N LYS A 262 1.24 11.05 -8.61
CA LYS A 262 1.80 9.94 -7.83
C LYS A 262 2.99 9.26 -8.50
N GLY A 263 3.56 9.85 -9.56
CA GLY A 263 4.64 9.16 -10.26
C GLY A 263 5.88 8.90 -9.41
N GLY A 264 6.27 9.88 -8.58
CA GLY A 264 7.40 9.67 -7.67
C GLY A 264 7.17 8.51 -6.70
N GLY A 265 5.97 8.43 -6.12
CA GLY A 265 5.63 7.28 -5.31
C GLY A 265 5.79 5.96 -6.04
N ALA A 266 5.28 5.87 -7.27
CA ALA A 266 5.37 4.63 -8.02
C ALA A 266 6.83 4.28 -8.30
N LEU A 267 7.63 5.26 -8.75
CA LEU A 267 9.02 4.96 -9.09
C LEU A 267 9.81 4.54 -7.87
N SER A 268 9.58 5.18 -6.73
CA SER A 268 10.36 4.84 -5.56
C SER A 268 9.90 3.52 -4.92
N ALA A 269 8.60 3.19 -5.06
CA ALA A 269 8.11 1.91 -4.58
C ALA A 269 8.78 0.74 -5.32
N VAL A 270 8.80 0.79 -6.65
CA VAL A 270 9.44 -0.26 -7.45
C VAL A 270 10.92 -0.35 -7.13
N ALA A 271 11.61 0.79 -7.07
CA ALA A 271 13.03 0.77 -6.73
C ALA A 271 13.27 0.20 -5.34
N ALA A 272 12.29 0.38 -4.42
CA ALA A 272 12.45 -0.16 -3.07
C ALA A 272 12.43 -1.69 -3.07
N THR A 273 11.82 -2.30 -4.07
CA THR A 273 11.90 -3.75 -4.19
C THR A 273 13.17 -4.19 -4.90
N LYS A 274 14.01 -3.26 -5.36
CA LYS A 274 15.22 -3.59 -6.11
C LYS A 274 14.88 -4.22 -7.45
N SER A 275 13.73 -3.86 -8.02
CA SER A 275 13.37 -4.25 -9.37
C SER A 275 13.66 -3.09 -10.31
N PRO A 276 14.52 -3.24 -11.32
CA PRO A 276 14.89 -2.08 -12.16
C PRO A 276 13.82 -1.77 -13.18
N ILE A 277 13.34 -0.54 -13.17
CA ILE A 277 12.55 -0.02 -14.29
C ILE A 277 13.50 0.26 -15.46
N ILE A 278 13.22 -0.33 -16.63
CA ILE A 278 14.14 -0.25 -17.78
C ILE A 278 13.65 0.80 -18.78
N PHE A 279 12.33 0.95 -18.90
CA PHE A 279 11.75 1.96 -19.78
C PHE A 279 10.49 2.52 -19.15
N ILE A 280 10.06 3.66 -19.68
CA ILE A 280 8.77 4.28 -19.37
C ILE A 280 7.99 4.32 -20.68
N GLY A 281 6.73 3.88 -20.66
CA GLY A 281 5.83 4.13 -21.79
C GLY A 281 5.10 5.44 -21.60
N THR A 282 5.18 6.32 -22.62
CA THR A 282 4.76 7.71 -22.48
C THR A 282 3.67 8.11 -23.46
N GLY A 283 2.93 7.18 -24.03
CA GLY A 283 1.85 7.59 -24.90
C GLY A 283 1.46 6.52 -25.89
N GLU A 284 0.53 6.91 -26.77
CA GLU A 284 -0.13 5.97 -27.69
C GLU A 284 0.74 5.57 -28.86
N HIS A 285 1.76 6.35 -29.23
CA HIS A 285 2.52 6.09 -30.45
C HIS A 285 3.75 5.24 -30.17
N ILE A 286 4.24 4.58 -31.21
CA ILE A 286 5.20 3.51 -31.00
C ILE A 286 6.55 4.06 -30.55
N ASP A 287 6.84 5.33 -30.85
CA ASP A 287 8.04 5.98 -30.35
C ASP A 287 7.81 6.73 -29.04
N ASP A 288 6.64 6.60 -28.44
CA ASP A 288 6.38 7.21 -27.12
C ASP A 288 6.92 6.29 -26.03
N PHE A 289 8.23 6.36 -25.83
CA PHE A 289 8.93 5.27 -25.14
C PHE A 289 10.32 5.76 -24.84
N GLU A 290 10.80 5.54 -23.64
CA GLU A 290 12.14 6.03 -23.37
C GLU A 290 12.79 5.15 -22.33
N PRO A 291 14.09 4.91 -22.44
CA PRO A 291 14.81 4.20 -21.39
C PRO A 291 14.85 5.05 -20.12
N PHE A 292 14.97 4.37 -18.99
CA PHE A 292 14.87 5.02 -17.68
C PHE A 292 16.27 5.07 -17.07
N LYS A 293 16.88 6.25 -17.08
CA LYS A 293 18.19 6.45 -16.47
C LYS A 293 18.02 7.42 -15.32
N THR A 294 18.39 6.99 -14.12
CA THR A 294 17.94 7.69 -12.93
C THR A 294 18.65 9.05 -12.78
N GLN A 295 19.98 9.06 -12.92
CA GLN A 295 20.71 10.32 -12.83
C GLN A 295 20.23 11.34 -13.86
N PRO A 296 20.21 11.06 -15.17
CA PRO A 296 19.65 12.05 -16.11
C PRO A 296 18.18 12.39 -15.85
N PHE A 297 17.37 11.40 -15.46
CA PHE A 297 15.99 11.68 -15.06
C PHE A 297 15.91 12.77 -13.99
N ILE A 298 16.59 12.58 -12.86
CA ILE A 298 16.57 13.57 -11.78
C ILE A 298 17.27 14.86 -12.22
N SER A 299 18.33 14.76 -13.03
CA SER A 299 18.99 15.96 -13.57
C SER A 299 18.01 16.85 -14.34
N LYS A 300 17.25 16.25 -15.24
CA LYS A 300 16.31 17.01 -16.04
C LYS A 300 15.19 17.60 -15.18
N LEU A 301 14.84 16.94 -14.09
CA LEU A 301 13.75 17.41 -13.25
C LEU A 301 14.13 18.69 -12.54
N LEU A 302 15.30 18.72 -11.92
CA LEU A 302 15.74 19.85 -11.12
C LEU A 302 16.46 20.91 -11.93
N GLY A 303 16.71 20.67 -13.21
CA GLY A 303 17.30 21.67 -14.07
C GLY A 303 16.33 22.80 -14.42
N HIS B 3 -3.56 18.66 24.94
CA HIS B 3 -3.31 18.42 26.37
C HIS B 3 -3.33 16.93 26.71
N HIS B 4 -4.17 16.16 26.02
CA HIS B 4 -4.27 14.72 26.22
C HIS B 4 -3.62 13.91 25.12
N HIS B 5 -3.28 14.53 23.98
CA HIS B 5 -2.62 13.80 22.91
C HIS B 5 -1.35 13.13 23.38
N HIS B 6 -0.70 13.67 24.40
CA HIS B 6 0.56 13.10 24.87
C HIS B 6 0.43 11.64 25.25
N HIS B 7 -0.78 11.18 25.61
CA HIS B 7 -0.99 9.79 25.99
C HIS B 7 -2.05 9.09 25.14
N MET B 8 -2.47 9.69 24.03
CA MET B 8 -3.31 9.01 23.06
C MET B 8 -2.43 8.15 22.13
N VAL B 9 -3.03 7.07 21.61
CA VAL B 9 -2.27 6.14 20.80
C VAL B 9 -1.68 6.82 19.58
N LEU B 10 -2.40 7.79 19.00
CA LEU B 10 -1.89 8.59 17.89
C LEU B 10 -1.28 9.91 18.35
N ALA B 11 -0.43 9.82 19.37
CA ALA B 11 0.12 11.01 20.03
C ALA B 11 0.81 11.94 19.04
N ASP B 12 1.70 11.38 18.22
CA ASP B 12 2.50 12.18 17.29
C ASP B 12 1.61 12.97 16.35
N LEU B 13 0.57 12.33 15.82
CA LEU B 13 -0.36 13.00 14.93
C LEU B 13 -1.17 14.05 15.65
N GLY B 14 -1.58 13.78 16.90
CA GLY B 14 -2.43 14.72 17.63
C GLY B 14 -1.68 15.95 18.07
N ARG B 15 -0.45 15.78 18.56
CA ARG B 15 0.45 16.90 18.79
C ARG B 15 0.50 17.85 17.58
N LYS B 16 0.73 17.29 16.39
CA LYS B 16 0.89 18.15 15.22
C LYS B 16 -0.41 18.82 14.83
N ILE B 17 -1.53 18.09 14.91
CA ILE B 17 -2.80 18.69 14.52
C ILE B 17 -3.22 19.77 15.52
N THR B 18 -3.00 19.54 16.82
CA THR B 18 -3.41 20.57 17.77
C THR B 18 -2.52 21.82 17.67
N SER B 19 -1.23 21.70 17.31
CA SER B 19 -0.43 22.90 17.03
C SER B 19 -1.01 23.68 15.87
N ALA B 20 -1.40 22.99 14.80
CA ALA B 20 -1.99 23.68 13.65
C ALA B 20 -3.19 24.52 14.07
N LEU B 21 -4.14 23.89 14.76
CA LEU B 21 -5.34 24.59 15.23
C LEU B 21 -4.98 25.69 16.23
N ARG B 22 -3.98 25.46 17.07
CA ARG B 22 -3.62 26.45 18.07
C ARG B 22 -3.00 27.68 17.40
N SER B 23 -2.23 27.47 16.34
CA SER B 23 -1.66 28.61 15.61
C SER B 23 -2.76 29.41 14.91
N LEU B 24 -3.74 28.71 14.34
CA LEU B 24 -4.87 29.39 13.70
C LEU B 24 -5.63 30.23 14.70
N SER B 25 -5.94 29.64 15.86
CA SER B 25 -6.74 30.31 16.88
C SER B 25 -5.99 31.45 17.55
N ASN B 26 -4.68 31.58 17.33
CA ASN B 26 -3.92 32.72 17.83
C ASN B 26 -3.62 33.76 16.75
N ALA B 27 -3.98 33.51 15.48
CA ALA B 27 -3.79 34.53 14.45
C ALA B 27 -4.65 35.76 14.74
N THR B 28 -4.10 36.94 14.43
CA THR B 28 -4.81 38.17 14.78
C THR B 28 -6.14 38.26 14.04
N ILE B 29 -6.19 37.74 12.81
CA ILE B 29 -7.39 37.75 11.97
C ILE B 29 -7.40 36.46 11.17
N ILE B 30 -8.58 35.85 11.06
CA ILE B 30 -8.79 34.66 10.24
C ILE B 30 -9.07 35.09 8.80
N ASN B 31 -8.32 34.52 7.86
CA ASN B 31 -8.46 34.85 6.45
C ASN B 31 -8.08 33.61 5.66
N GLU B 32 -7.96 33.77 4.34
CA GLU B 32 -7.68 32.61 3.50
C GLU B 32 -6.27 32.07 3.77
N GLU B 33 -5.27 32.96 3.86
CA GLU B 33 -3.90 32.51 4.14
C GLU B 33 -3.83 31.70 5.43
N VAL B 34 -4.35 32.26 6.53
CA VAL B 34 -4.32 31.56 7.81
C VAL B 34 -5.00 30.20 7.68
N LEU B 35 -6.13 30.16 6.96
CA LEU B 35 -6.86 28.91 6.84
C LEU B 35 -6.06 27.90 6.01
N ASN B 36 -5.46 28.34 4.91
CA ASN B 36 -4.66 27.42 4.09
C ASN B 36 -3.39 26.97 4.80
N ALA B 37 -2.73 27.89 5.52
CA ALA B 37 -1.58 27.49 6.33
C ALA B 37 -1.95 26.38 7.30
N MET B 38 -3.07 26.51 7.99
CA MET B 38 -3.50 25.48 8.93
C MET B 38 -3.74 24.16 8.20
N LEU B 39 -4.43 24.20 7.07
CA LEU B 39 -4.75 22.98 6.35
C LEU B 39 -3.49 22.30 5.81
N LYS B 40 -2.52 23.08 5.33
CA LYS B 40 -1.24 22.49 4.93
C LYS B 40 -0.62 21.70 6.09
N GLU B 41 -0.65 22.28 7.30
CA GLU B 41 -0.04 21.63 8.46
C GLU B 41 -0.73 20.34 8.80
N VAL B 42 -2.05 20.33 8.73
CA VAL B 42 -2.83 19.14 9.05
C VAL B 42 -2.64 18.07 7.98
N CYS B 43 -2.63 18.48 6.71
CA CYS B 43 -2.43 17.50 5.63
C CYS B 43 -1.06 16.86 5.73
N THR B 44 -0.02 17.66 5.98
CA THR B 44 1.31 17.12 6.16
C THR B 44 1.36 16.13 7.31
N ALA B 45 0.78 16.51 8.45
CA ALA B 45 0.78 15.63 9.61
C ALA B 45 0.09 14.31 9.29
N LEU B 46 -0.98 14.36 8.49
CA LEU B 46 -1.69 13.15 8.12
C LEU B 46 -0.86 12.29 7.16
N LEU B 47 -0.19 12.92 6.19
CA LEU B 47 0.73 12.20 5.32
C LEU B 47 1.86 11.58 6.12
N GLU B 48 2.33 12.27 7.13
CA GLU B 48 3.37 11.76 8.01
C GLU B 48 2.86 10.66 8.92
N ALA B 49 1.55 10.49 9.05
CA ALA B 49 0.92 9.35 9.72
C ALA B 49 0.55 8.21 8.75
N ASP B 50 1.05 8.28 7.51
CA ASP B 50 0.84 7.26 6.47
C ASP B 50 -0.60 7.17 6.01
N VAL B 51 -1.39 8.23 6.22
CA VAL B 51 -2.70 8.28 5.60
C VAL B 51 -2.52 8.42 4.09
N ASN B 52 -3.33 7.68 3.33
CA ASN B 52 -3.27 7.70 1.87
C ASN B 52 -3.54 9.09 1.33
N ILE B 53 -2.67 9.54 0.43
CA ILE B 53 -2.77 10.89 -0.13
C ILE B 53 -4.15 11.20 -0.68
N LYS B 54 -4.84 10.20 -1.24
CA LYS B 54 -6.19 10.45 -1.75
C LYS B 54 -7.14 10.84 -0.63
N LEU B 55 -7.05 10.19 0.52
CA LEU B 55 -7.92 10.56 1.64
C LEU B 55 -7.51 11.91 2.23
N VAL B 56 -6.20 12.23 2.23
CA VAL B 56 -5.78 13.53 2.73
C VAL B 56 -6.34 14.64 1.84
N LYS B 57 -6.30 14.45 0.52
CA LYS B 57 -6.80 15.51 -0.35
C LYS B 57 -8.31 15.66 -0.22
N GLN B 58 -9.03 14.55 -0.05
CA GLN B 58 -10.47 14.65 0.19
C GLN B 58 -10.80 15.38 1.49
N LEU B 59 -10.02 15.16 2.54
CA LEU B 59 -10.30 15.85 3.79
C LEU B 59 -10.09 17.35 3.61
N ARG B 60 -9.01 17.74 2.95
CA ARG B 60 -8.75 19.15 2.70
C ARG B 60 -9.91 19.78 1.93
N GLU B 61 -10.31 19.15 0.82
CA GLU B 61 -11.44 19.64 0.04
C GLU B 61 -12.70 19.78 0.89
N ASN B 62 -12.96 18.80 1.77
CA ASN B 62 -14.21 18.83 2.53
C ASN B 62 -14.21 19.97 3.55
N VAL B 63 -13.08 20.20 4.23
CA VAL B 63 -13.02 21.32 5.16
C VAL B 63 -13.27 22.63 4.43
N LYS B 64 -12.70 22.80 3.23
CA LYS B 64 -12.88 24.07 2.52
C LYS B 64 -14.31 24.26 2.02
N SER B 65 -14.99 23.17 1.66
CA SER B 65 -16.40 23.32 1.28
C SER B 65 -17.25 23.69 2.48
N ALA B 66 -16.99 23.08 3.64
CA ALA B 66 -17.81 23.31 4.83
C ALA B 66 -17.68 24.73 5.35
N ILE B 67 -16.50 25.32 5.25
CA ILE B 67 -16.26 26.63 5.82
C ILE B 67 -16.62 27.70 4.79
N ASP B 68 -17.36 28.69 5.24
CA ASP B 68 -17.56 29.95 4.52
C ASP B 68 -17.19 31.05 5.51
N LEU B 69 -16.04 31.69 5.27
CA LEU B 69 -15.48 32.63 6.23
C LEU B 69 -16.31 33.92 6.38
N GLU B 70 -17.21 34.22 5.45
CA GLU B 70 -17.99 35.44 5.60
C GLU B 70 -19.36 35.21 6.18
N GLU B 71 -19.89 33.98 6.13
CA GLU B 71 -21.25 33.69 6.57
C GLU B 71 -21.18 32.90 7.87
N MET B 72 -21.02 33.61 8.97
CA MET B 72 -20.92 33.05 10.31
C MET B 72 -22.17 33.44 11.08
N ALA B 73 -23.02 32.44 11.37
CA ALA B 73 -24.29 32.67 12.02
C ALA B 73 -24.56 31.59 13.07
N SER B 74 -23.52 31.04 13.69
CA SER B 74 -23.64 30.05 14.75
C SER B 74 -23.35 30.57 16.14
N GLY B 75 -23.07 31.87 16.32
CA GLY B 75 -22.72 32.38 17.63
C GLY B 75 -21.37 31.95 18.16
N LEU B 76 -20.56 31.29 17.34
CA LEU B 76 -19.20 30.92 17.68
C LEU B 76 -18.23 31.58 16.71
N ASN B 77 -17.05 31.94 17.22
CA ASN B 77 -16.08 32.63 16.38
C ASN B 77 -15.50 31.69 15.33
N LYS B 78 -14.89 32.28 14.29
CA LYS B 78 -14.43 31.53 13.13
C LYS B 78 -13.40 30.48 13.51
N ARG B 79 -12.55 30.77 14.50
CA ARG B 79 -11.57 29.78 14.91
C ARG B 79 -12.25 28.52 15.43
N LYS B 80 -13.32 28.68 16.22
CA LYS B 80 -14.05 27.52 16.74
C LYS B 80 -14.77 26.78 15.61
N MET B 81 -15.32 27.53 14.64
CA MET B 81 -16.02 26.91 13.51
C MET B 81 -15.06 26.08 12.66
N ILE B 82 -13.83 26.58 12.48
CA ILE B 82 -12.82 25.86 11.71
C ILE B 82 -12.38 24.61 12.47
N GLN B 83 -12.17 24.73 13.78
CA GLN B 83 -11.77 23.56 14.57
C GLN B 83 -12.86 22.48 14.51
N HIS B 84 -14.12 22.88 14.56
CA HIS B 84 -15.22 21.93 14.40
C HIS B 84 -15.23 21.29 13.01
N ALA B 85 -14.91 22.05 11.96
CA ALA B 85 -14.96 21.49 10.61
C ALA B 85 -13.85 20.46 10.42
N VAL B 86 -12.69 20.72 11.02
CA VAL B 86 -11.59 19.78 10.98
C VAL B 86 -11.90 18.55 11.83
N PHE B 87 -12.39 18.76 13.05
CA PHE B 87 -12.83 17.64 13.89
C PHE B 87 -13.77 16.73 13.10
N LYS B 88 -14.76 17.32 12.45
CA LYS B 88 -15.77 16.50 11.76
C LYS B 88 -15.14 15.66 10.65
N GLU B 89 -14.15 16.21 9.92
CA GLU B 89 -13.56 15.47 8.81
C GLU B 89 -12.55 14.44 9.28
N LEU B 90 -11.90 14.69 10.42
CA LEU B 90 -11.09 13.64 11.01
C LEU B 90 -11.95 12.46 11.47
N VAL B 91 -13.15 12.74 12.00
CA VAL B 91 -14.02 11.64 12.40
C VAL B 91 -14.38 10.79 11.17
N LYS B 92 -14.78 11.45 10.06
CA LYS B 92 -15.08 10.74 8.82
C LYS B 92 -13.90 9.92 8.34
N LEU B 93 -12.70 10.45 8.49
CA LEU B 93 -11.51 9.76 8.03
C LEU B 93 -11.35 8.38 8.67
N VAL B 94 -11.76 8.23 9.94
CA VAL B 94 -11.62 6.98 10.67
C VAL B 94 -12.95 6.27 10.85
N ASP B 95 -14.02 6.79 10.25
CA ASP B 95 -15.35 6.24 10.44
C ASP B 95 -15.72 5.37 9.25
N PRO B 96 -15.83 4.04 9.43
CA PRO B 96 -16.24 3.18 8.31
C PRO B 96 -17.60 3.53 7.71
N GLY B 97 -18.49 4.12 8.50
CA GLY B 97 -19.82 4.46 8.03
C GLY B 97 -20.83 3.33 8.04
N VAL B 98 -20.45 2.17 8.55
CA VAL B 98 -21.33 1.01 8.62
C VAL B 98 -21.58 0.71 10.09
N LYS B 99 -22.81 0.32 10.41
CA LYS B 99 -23.08 -0.15 11.77
C LYS B 99 -22.32 -1.43 12.04
N ALA B 100 -21.62 -1.48 13.16
CA ALA B 100 -20.99 -2.72 13.60
C ALA B 100 -22.05 -3.68 14.12
N TRP B 101 -21.77 -4.98 13.96
CA TRP B 101 -22.60 -6.00 14.61
C TRP B 101 -22.38 -5.97 16.12
N THR B 102 -23.45 -6.21 16.88
CA THR B 102 -23.36 -6.26 18.32
C THR B 102 -24.05 -7.51 18.84
N PRO B 103 -23.49 -8.17 19.85
CA PRO B 103 -24.11 -9.37 20.39
C PRO B 103 -25.48 -9.05 20.99
N THR B 104 -26.32 -10.08 21.11
CA THR B 104 -27.64 -9.92 21.70
C THR B 104 -27.67 -10.64 23.04
N LYS B 105 -28.00 -9.90 24.10
CA LYS B 105 -28.04 -10.44 25.45
C LYS B 105 -29.08 -11.54 25.53
N GLY B 106 -28.80 -12.54 26.38
CA GLY B 106 -29.69 -13.67 26.50
C GLY B 106 -29.80 -14.51 25.25
N LYS B 107 -28.78 -14.49 24.40
CA LYS B 107 -28.74 -15.35 23.23
C LYS B 107 -27.33 -15.90 23.09
N GLN B 108 -27.16 -16.91 22.26
CA GLN B 108 -25.86 -17.50 21.98
C GLN B 108 -25.23 -16.72 20.83
N ASN B 109 -24.18 -15.98 21.13
CA ASN B 109 -23.48 -15.17 20.14
C ASN B 109 -22.14 -15.83 19.88
N VAL B 110 -21.96 -16.33 18.66
CA VAL B 110 -20.74 -17.02 18.24
C VAL B 110 -19.87 -16.03 17.48
N ILE B 111 -18.68 -15.76 17.98
CA ILE B 111 -17.75 -14.79 17.42
C ILE B 111 -16.47 -15.50 17.01
N MET B 112 -16.19 -15.51 15.72
CA MET B 112 -15.04 -16.21 15.15
C MET B 112 -13.92 -15.23 14.87
N PHE B 113 -12.70 -15.56 15.30
CA PHE B 113 -11.53 -14.72 15.12
C PHE B 113 -10.57 -15.31 14.10
N VAL B 114 -10.13 -14.48 13.14
CA VAL B 114 -9.09 -14.86 12.18
C VAL B 114 -8.04 -13.77 12.16
N GLY B 115 -6.82 -14.15 11.77
CA GLY B 115 -5.77 -13.18 11.62
C GLY B 115 -4.45 -13.79 11.21
N LEU B 116 -3.60 -13.00 10.56
CA LEU B 116 -2.27 -13.47 10.16
C LEU B 116 -1.37 -13.58 11.38
N GLN B 117 -0.29 -14.35 11.22
CA GLN B 117 0.77 -14.39 12.22
C GLN B 117 1.20 -12.99 12.62
N GLY B 118 1.36 -12.76 13.93
CA GLY B 118 1.79 -11.45 14.39
C GLY B 118 0.72 -10.38 14.41
N SER B 119 -0.52 -10.72 14.05
CA SER B 119 -1.64 -9.81 14.26
C SER B 119 -1.98 -9.64 15.74
N GLY B 120 -1.52 -10.53 16.63
CA GLY B 120 -1.91 -10.49 18.02
C GLY B 120 -3.29 -11.08 18.26
N LYS B 121 -3.72 -12.01 17.41
CA LYS B 121 -5.09 -12.50 17.42
C LYS B 121 -5.44 -13.13 18.77
N THR B 122 -4.64 -14.09 19.23
CA THR B 122 -5.00 -14.80 20.45
C THR B 122 -5.06 -13.86 21.65
N THR B 123 -4.07 -12.98 21.78
CA THR B 123 -4.13 -11.94 22.80
C THR B 123 -5.42 -11.14 22.72
N THR B 124 -5.85 -10.80 21.50
CA THR B 124 -7.06 -10.05 21.30
C THR B 124 -8.30 -10.82 21.75
N CYS B 125 -8.30 -12.15 21.58
CA CYS B 125 -9.39 -12.98 22.10
C CYS B 125 -9.49 -12.86 23.61
N SER B 126 -8.36 -13.02 24.30
CA SER B 126 -8.33 -12.88 25.73
C SER B 126 -8.88 -11.52 26.14
N LYS B 127 -8.44 -10.47 25.41
CA LYS B 127 -8.89 -9.12 25.72
C LYS B 127 -10.38 -8.97 25.48
N LEU B 128 -10.89 -9.48 24.35
CA LEU B 128 -12.32 -9.43 24.13
C LEU B 128 -13.09 -10.25 25.17
N ALA B 129 -12.63 -11.47 25.47
CA ALA B 129 -13.33 -12.29 26.45
C ALA B 129 -13.43 -11.57 27.80
N TYR B 130 -12.30 -11.01 28.25
CA TYR B 130 -12.30 -10.28 29.51
C TYR B 130 -13.24 -9.08 29.45
N TYR B 131 -13.33 -8.44 28.28
CA TYR B 131 -14.24 -7.31 28.12
C TYR B 131 -15.67 -7.73 28.43
N TYR B 132 -16.19 -8.73 27.72
CA TYR B 132 -17.59 -9.12 27.90
C TYR B 132 -17.83 -9.74 29.27
N GLN B 133 -16.92 -10.58 29.74
CA GLN B 133 -16.98 -11.07 31.11
C GLN B 133 -17.21 -9.93 32.10
N ARG B 134 -16.29 -8.96 32.11
CA ARG B 134 -16.38 -7.82 33.00
C ARG B 134 -17.75 -7.13 32.91
N LYS B 135 -18.37 -7.10 31.73
CA LYS B 135 -19.69 -6.51 31.55
C LYS B 135 -20.83 -7.49 31.80
N GLY B 136 -20.60 -8.57 32.54
CA GLY B 136 -21.68 -9.43 32.97
C GLY B 136 -22.26 -10.37 31.92
N TRP B 137 -21.54 -10.61 30.83
CA TRP B 137 -21.95 -11.61 29.85
C TRP B 137 -21.37 -12.97 30.23
N LYS B 138 -22.17 -14.01 30.06
CA LYS B 138 -21.67 -15.37 30.25
C LYS B 138 -20.84 -15.73 29.03
N THR B 139 -19.52 -15.69 29.19
CA THR B 139 -18.62 -15.82 28.06
C THR B 139 -17.67 -16.99 28.27
N CYS B 140 -17.16 -17.48 27.14
CA CYS B 140 -16.27 -18.63 27.11
C CYS B 140 -15.32 -18.46 25.94
N LEU B 141 -14.26 -19.25 25.96
CA LEU B 141 -13.24 -19.23 24.94
C LEU B 141 -13.08 -20.62 24.34
N ILE B 142 -12.80 -20.67 23.05
CA ILE B 142 -12.58 -21.91 22.33
C ILE B 142 -11.32 -21.74 21.49
N CYS B 143 -10.33 -22.61 21.68
CA CYS B 143 -9.20 -22.67 20.77
C CYS B 143 -9.50 -23.74 19.73
N ALA B 144 -9.75 -23.32 18.50
CA ALA B 144 -9.97 -24.23 17.38
C ALA B 144 -8.66 -24.41 16.61
N ASP B 145 -7.75 -25.14 17.25
CA ASP B 145 -6.51 -25.57 16.64
C ASP B 145 -5.98 -26.76 17.44
N THR B 146 -4.98 -27.43 16.86
CA THR B 146 -4.33 -28.55 17.54
C THR B 146 -3.69 -28.11 18.85
N PHE B 147 -3.54 -29.06 19.78
CA PHE B 147 -2.96 -28.74 21.07
C PHE B 147 -1.46 -28.48 21.00
N ARG B 148 -0.78 -28.91 19.93
CA ARG B 148 0.63 -28.58 19.74
C ARG B 148 0.84 -27.16 19.24
N ALA B 149 -0.22 -26.47 18.84
CA ALA B 149 -0.09 -25.07 18.46
C ALA B 149 0.20 -24.20 19.67
N GLY B 150 1.01 -23.15 19.45
CA GLY B 150 1.38 -22.25 20.52
C GLY B 150 0.19 -21.54 21.14
N ALA B 151 -0.73 -21.05 20.30
CA ALA B 151 -1.93 -20.35 20.75
C ALA B 151 -2.82 -21.20 21.64
N PHE B 152 -2.58 -22.52 21.71
CA PHE B 152 -3.41 -23.38 22.57
C PHE B 152 -3.10 -23.14 24.03
N ASP B 153 -1.86 -23.44 24.45
CA ASP B 153 -1.48 -23.18 25.84
C ASP B 153 -1.62 -21.70 26.17
N GLN B 154 -1.36 -20.82 25.20
CA GLN B 154 -1.47 -19.40 25.44
C GLN B 154 -2.89 -19.02 25.82
N LEU B 155 -3.88 -19.41 25.00
CA LEU B 155 -5.26 -19.07 25.30
C LEU B 155 -5.80 -19.88 26.49
N LYS B 156 -5.29 -21.09 26.69
CA LYS B 156 -5.72 -21.89 27.84
C LYS B 156 -5.26 -21.25 29.15
N GLN B 157 -3.98 -20.89 29.24
CA GLN B 157 -3.48 -20.21 30.43
C GLN B 157 -4.21 -18.90 30.67
N ASN B 158 -4.46 -18.16 29.58
CA ASN B 158 -5.18 -16.89 29.73
C ASN B 158 -6.59 -17.12 30.27
N ALA B 159 -7.26 -18.17 29.78
CA ALA B 159 -8.60 -18.50 30.24
C ALA B 159 -8.61 -18.89 31.72
N THR B 160 -7.60 -19.64 32.14
CA THR B 160 -7.52 -20.05 33.55
C THR B 160 -7.29 -18.84 34.46
N LYS B 161 -6.33 -17.99 34.11
CA LYS B 161 -6.11 -16.80 34.91
C LYS B 161 -7.36 -15.93 34.96
N ALA B 162 -8.13 -15.89 33.88
CA ALA B 162 -9.34 -15.08 33.82
C ALA B 162 -10.57 -15.77 34.41
N ARG B 163 -10.46 -17.02 34.83
CA ARG B 163 -11.60 -17.81 35.30
C ARG B 163 -12.71 -17.87 34.25
N ILE B 164 -12.32 -17.95 32.99
CA ILE B 164 -13.24 -17.96 31.85
C ILE B 164 -13.28 -19.37 31.29
N PRO B 165 -14.45 -19.99 31.15
CA PRO B 165 -14.50 -21.39 30.68
C PRO B 165 -13.85 -21.53 29.31
N PHE B 166 -13.12 -22.63 29.15
CA PHE B 166 -12.25 -22.86 28.01
C PHE B 166 -12.52 -24.22 27.42
N TYR B 167 -12.53 -24.31 26.11
CA TYR B 167 -12.62 -25.59 25.42
C TYR B 167 -11.47 -25.71 24.45
N GLY B 168 -10.63 -26.72 24.67
CA GLY B 168 -9.69 -27.18 23.67
C GLY B 168 -9.77 -28.69 23.59
N SER B 169 -9.12 -29.25 22.57
CA SER B 169 -9.09 -30.69 22.42
C SER B 169 -7.65 -31.16 22.36
N TYR B 170 -7.38 -32.26 23.08
CA TYR B 170 -6.15 -33.03 22.96
C TYR B 170 -6.30 -34.24 22.06
N THR B 171 -7.53 -34.58 21.64
CA THR B 171 -7.78 -35.81 20.89
C THR B 171 -8.17 -35.57 19.44
N GLU B 172 -8.59 -34.37 19.07
CA GLU B 172 -8.96 -34.03 17.71
C GLU B 172 -7.90 -33.13 17.11
N MET B 173 -7.55 -33.39 15.85
CA MET B 173 -6.55 -32.60 15.15
C MET B 173 -7.12 -31.85 13.95
N ASP B 174 -8.41 -31.96 13.68
CA ASP B 174 -9.07 -31.14 12.67
C ASP B 174 -9.67 -29.91 13.34
N PRO B 175 -9.19 -28.71 13.05
CA PRO B 175 -9.74 -27.52 13.73
C PRO B 175 -11.24 -27.32 13.50
N VAL B 176 -11.76 -27.68 12.33
CA VAL B 176 -13.19 -27.55 12.07
C VAL B 176 -14.00 -28.34 13.08
N ILE B 177 -13.56 -29.55 13.40
CA ILE B 177 -14.28 -30.37 14.37
C ILE B 177 -14.16 -29.78 15.77
N ILE B 178 -12.97 -29.28 16.14
CA ILE B 178 -12.79 -28.69 17.46
C ILE B 178 -13.69 -27.47 17.61
N ALA B 179 -13.78 -26.65 16.56
CA ALA B 179 -14.66 -25.49 16.62
C ALA B 179 -16.12 -25.93 16.79
N SER B 180 -16.56 -26.94 16.01
CA SER B 180 -17.94 -27.40 16.08
C SER B 180 -18.30 -27.97 17.45
N GLU B 181 -17.35 -28.61 18.12
CA GLU B 181 -17.66 -29.28 19.37
C GLU B 181 -17.69 -28.30 20.53
N GLY B 182 -16.78 -27.32 20.53
CA GLY B 182 -16.81 -26.31 21.57
C GLY B 182 -18.05 -25.44 21.49
N VAL B 183 -18.42 -25.06 20.26
CA VAL B 183 -19.63 -24.27 20.05
C VAL B 183 -20.85 -25.08 20.49
N GLU B 184 -20.93 -26.33 20.03
CA GLU B 184 -22.01 -27.19 20.51
C GLU B 184 -22.06 -27.19 22.03
N LYS B 185 -20.92 -27.50 22.68
CA LYS B 185 -20.93 -27.68 24.13
C LYS B 185 -21.36 -26.39 24.85
N PHE B 186 -20.92 -25.23 24.36
CA PHE B 186 -21.20 -23.98 25.07
C PHE B 186 -22.55 -23.36 24.72
N LYS B 187 -23.10 -23.67 23.54
CA LYS B 187 -24.50 -23.36 23.28
C LYS B 187 -25.42 -24.16 24.19
N ASN B 188 -25.04 -25.40 24.52
CA ASN B 188 -25.86 -26.22 25.41
C ASN B 188 -25.90 -25.64 26.81
N GLU B 189 -24.81 -25.05 27.28
CA GLU B 189 -24.80 -24.38 28.58
C GLU B 189 -25.29 -22.95 28.49
N ASN B 190 -25.85 -22.55 27.34
CA ASN B 190 -26.37 -21.20 27.11
C ASN B 190 -25.39 -20.10 27.53
N PHE B 191 -24.14 -20.26 27.12
CA PHE B 191 -23.24 -19.12 27.17
C PHE B 191 -23.73 -18.05 26.20
N GLU B 192 -23.44 -16.79 26.50
CA GLU B 192 -23.89 -15.72 25.64
C GLU B 192 -22.82 -15.24 24.66
N ILE B 193 -21.56 -15.22 25.06
CA ILE B 193 -20.44 -14.82 24.21
C ILE B 193 -19.57 -16.06 24.02
N ILE B 194 -19.58 -16.60 22.82
CA ILE B 194 -18.83 -17.81 22.50
C ILE B 194 -17.74 -17.39 21.53
N ILE B 195 -16.51 -17.30 22.00
CA ILE B 195 -15.41 -16.72 21.23
C ILE B 195 -14.54 -17.86 20.71
N VAL B 196 -14.51 -18.03 19.38
CA VAL B 196 -13.73 -19.08 18.74
C VAL B 196 -12.44 -18.47 18.17
N ASP B 197 -11.30 -18.91 18.69
CA ASP B 197 -9.99 -18.50 18.18
C ASP B 197 -9.54 -19.49 17.11
N THR B 198 -9.60 -19.08 15.85
CA THR B 198 -9.13 -20.00 14.82
C THR B 198 -7.61 -20.05 14.82
N SER B 199 -7.07 -20.88 13.94
CA SER B 199 -5.64 -21.14 13.89
C SER B 199 -4.86 -19.91 13.47
N GLY B 200 -3.73 -19.69 14.13
CA GLY B 200 -2.93 -18.51 13.82
C GLY B 200 -1.70 -18.81 12.98
N ARG B 201 -1.70 -19.94 12.28
CA ARG B 201 -0.50 -20.41 11.60
C ARG B 201 -0.22 -19.72 10.26
N HIS B 202 -1.13 -18.87 9.78
CA HIS B 202 -1.10 -18.42 8.39
C HIS B 202 -0.24 -17.17 8.23
N LYS B 203 0.68 -17.22 7.27
CA LYS B 203 1.43 -16.06 6.84
C LYS B 203 0.80 -15.37 5.63
N GLN B 204 -0.12 -16.03 4.94
CA GLN B 204 -0.73 -15.49 3.74
C GLN B 204 -2.24 -15.62 3.79
N GLU B 205 -2.90 -14.74 3.04
CA GLU B 205 -4.35 -14.63 3.08
C GLU B 205 -5.03 -15.86 2.48
N ASP B 206 -4.43 -16.43 1.42
CA ASP B 206 -5.00 -17.60 0.76
C ASP B 206 -5.37 -18.69 1.77
N SER B 207 -4.39 -19.14 2.54
CA SER B 207 -4.63 -20.22 3.49
C SER B 207 -5.50 -19.75 4.66
N LEU B 208 -5.32 -18.49 5.11
CA LEU B 208 -6.15 -17.98 6.20
C LEU B 208 -7.62 -18.02 5.82
N PHE B 209 -7.97 -17.41 4.69
CA PHE B 209 -9.36 -17.39 4.22
C PHE B 209 -9.86 -18.79 3.88
N GLU B 210 -8.98 -19.68 3.42
CA GLU B 210 -9.42 -21.04 3.12
C GLU B 210 -10.00 -21.70 4.37
N GLU B 211 -9.24 -21.68 5.47
CA GLU B 211 -9.71 -22.24 6.73
C GLU B 211 -10.88 -21.44 7.30
N MET B 212 -10.92 -20.13 7.05
CA MET B 212 -11.98 -19.32 7.63
C MET B 212 -13.35 -19.78 7.14
N LEU B 213 -13.50 -19.94 5.82
CA LEU B 213 -14.79 -20.38 5.30
C LEU B 213 -15.16 -21.77 5.83
N GLN B 214 -14.16 -22.64 5.99
CA GLN B 214 -14.45 -24.01 6.42
C GLN B 214 -14.96 -24.05 7.86
N VAL B 215 -14.28 -23.33 8.76
CA VAL B 215 -14.76 -23.24 10.14
C VAL B 215 -16.12 -22.59 10.19
N ALA B 216 -16.29 -21.48 9.48
CA ALA B 216 -17.54 -20.72 9.49
C ALA B 216 -18.73 -21.59 9.06
N ASN B 217 -18.62 -22.26 7.91
CA ASN B 217 -19.70 -23.14 7.47
C ASN B 217 -20.08 -24.16 8.54
N ALA B 218 -19.09 -24.65 9.28
CA ALA B 218 -19.37 -25.65 10.32
C ALA B 218 -20.06 -25.03 11.52
N ILE B 219 -19.57 -23.87 12.01
CA ILE B 219 -20.10 -23.31 13.25
C ILE B 219 -21.14 -22.22 13.04
N GLN B 220 -21.33 -21.74 11.80
CA GLN B 220 -22.30 -20.71 11.48
C GLN B 220 -22.18 -19.46 12.38
N PRO B 221 -21.00 -18.83 12.41
CA PRO B 221 -20.78 -17.73 13.37
C PRO B 221 -21.74 -16.57 13.16
N ASP B 222 -21.98 -15.83 14.23
CA ASP B 222 -22.78 -14.61 14.09
C ASP B 222 -21.94 -13.43 13.64
N ASN B 223 -20.62 -13.56 13.68
CA ASN B 223 -19.68 -12.46 13.44
C ASN B 223 -18.31 -13.05 13.22
N ILE B 224 -17.56 -12.48 12.27
CA ILE B 224 -16.18 -12.87 12.02
C ILE B 224 -15.29 -11.63 12.16
N VAL B 225 -14.26 -11.74 13.00
CA VAL B 225 -13.37 -10.65 13.34
C VAL B 225 -12.00 -10.92 12.71
N TYR B 226 -11.58 -10.04 11.81
CA TYR B 226 -10.24 -10.04 11.25
C TYR B 226 -9.36 -9.15 12.11
N VAL B 227 -8.25 -9.69 12.62
CA VAL B 227 -7.32 -8.94 13.46
C VAL B 227 -6.17 -8.46 12.60
N MET B 228 -5.89 -7.15 12.66
CA MET B 228 -4.96 -6.50 11.75
C MET B 228 -3.96 -5.65 12.52
N ASP B 229 -2.68 -5.87 12.24
CA ASP B 229 -1.60 -5.12 12.86
C ASP B 229 -1.46 -3.77 12.17
N ALA B 230 -1.63 -2.68 12.94
CA ALA B 230 -1.60 -1.33 12.41
C ALA B 230 -0.23 -0.91 11.89
N SER B 231 0.84 -1.58 12.31
CA SER B 231 2.17 -1.30 11.78
C SER B 231 2.23 -1.25 10.26
N ILE B 232 1.23 -1.80 9.57
CA ILE B 232 1.25 -1.88 8.12
C ILE B 232 0.82 -0.57 7.48
N GLY B 233 0.16 0.31 8.26
CA GLY B 233 -0.24 1.59 7.74
C GLY B 233 -1.29 1.48 6.67
N GLN B 234 -1.14 2.30 5.62
CA GLN B 234 -2.16 2.36 4.59
C GLN B 234 -2.24 1.09 3.74
N ALA B 235 -1.34 0.13 3.93
CA ALA B 235 -1.55 -1.15 3.26
C ALA B 235 -2.65 -1.99 3.91
N CYS B 236 -3.20 -1.58 5.06
CA CYS B 236 -4.36 -2.28 5.59
C CYS B 236 -5.54 -2.26 4.63
N GLU B 237 -5.61 -1.26 3.74
CA GLU B 237 -6.74 -1.15 2.82
C GLU B 237 -6.89 -2.40 1.97
N ALA B 238 -5.82 -2.80 1.28
CA ALA B 238 -5.90 -3.99 0.44
C ALA B 238 -6.26 -5.20 1.28
N GLN B 239 -5.70 -5.30 2.49
CA GLN B 239 -5.97 -6.46 3.34
C GLN B 239 -7.40 -6.45 3.86
N ALA B 240 -7.93 -5.29 4.28
CA ALA B 240 -9.31 -5.25 4.75
C ALA B 240 -10.29 -5.47 3.60
N LYS B 241 -9.97 -4.94 2.41
CA LYS B 241 -10.80 -5.18 1.25
C LYS B 241 -10.96 -6.67 0.98
N ALA B 242 -9.85 -7.42 1.00
CA ALA B 242 -9.92 -8.85 0.68
C ALA B 242 -10.78 -9.60 1.68
N PHE B 243 -10.62 -9.30 2.96
CA PHE B 243 -11.44 -9.95 3.99
C PHE B 243 -12.93 -9.67 3.77
N LYS B 244 -13.28 -8.43 3.45
CA LYS B 244 -14.68 -8.03 3.44
C LYS B 244 -15.43 -8.65 2.28
N ASP B 245 -14.77 -8.84 1.14
CA ASP B 245 -15.44 -9.47 0.01
C ASP B 245 -15.80 -10.91 0.30
N LYS B 246 -15.09 -11.54 1.24
CA LYS B 246 -15.24 -12.97 1.52
C LYS B 246 -16.18 -13.28 2.66
N VAL B 247 -16.70 -12.28 3.35
CA VAL B 247 -17.51 -12.53 4.54
C VAL B 247 -18.83 -11.79 4.41
N ASP B 248 -19.90 -12.35 5.00
CA ASP B 248 -21.17 -11.65 5.06
C ASP B 248 -21.17 -10.59 6.15
N VAL B 249 -20.84 -10.99 7.39
CA VAL B 249 -20.78 -10.08 8.53
C VAL B 249 -19.33 -9.95 8.95
N ALA B 250 -18.73 -8.80 8.67
CA ALA B 250 -17.29 -8.62 8.82
C ALA B 250 -17.01 -7.51 9.83
N SER B 251 -16.23 -7.83 10.85
CA SER B 251 -15.69 -6.83 11.76
C SER B 251 -14.18 -6.92 11.74
N VAL B 252 -13.55 -5.82 12.10
CA VAL B 252 -12.10 -5.71 12.13
C VAL B 252 -11.69 -5.18 13.49
N ILE B 253 -10.63 -5.74 14.04
CA ILE B 253 -9.99 -5.19 15.23
C ILE B 253 -8.56 -4.82 14.85
N VAL B 254 -8.20 -3.56 15.10
CA VAL B 254 -6.89 -3.02 14.75
C VAL B 254 -6.03 -2.97 15.99
N THR B 255 -4.89 -3.61 15.94
CA THR B 255 -3.99 -3.78 17.08
C THR B 255 -2.67 -3.09 16.80
N LYS B 256 -1.85 -3.01 17.85
CA LYS B 256 -0.51 -2.45 17.80
C LYS B 256 -0.51 -1.01 17.27
N LEU B 257 -1.59 -0.30 17.55
CA LEU B 257 -1.64 1.13 17.24
C LEU B 257 -0.61 1.91 18.05
N ASP B 258 -0.45 1.56 19.33
CA ASP B 258 0.16 2.50 20.29
C ASP B 258 1.62 2.78 19.98
N GLY B 259 2.35 1.82 19.38
CA GLY B 259 3.80 1.85 19.38
C GLY B 259 4.56 2.59 18.28
N HIS B 260 3.91 3.11 17.22
CA HIS B 260 4.65 3.62 16.05
C HIS B 260 3.78 4.67 15.32
N ALA B 261 4.31 5.17 14.21
CA ALA B 261 3.83 6.39 13.56
C ALA B 261 2.67 6.19 12.57
N LYS B 262 2.35 4.97 12.17
CA LYS B 262 1.43 4.73 11.06
C LYS B 262 0.02 4.31 11.50
N GLY B 263 -0.36 4.53 12.75
CA GLY B 263 -1.68 4.11 13.19
C GLY B 263 -2.81 4.85 12.50
N GLY B 264 -2.64 6.15 12.26
CA GLY B 264 -3.68 6.89 11.58
C GLY B 264 -3.92 6.38 10.17
N GLY B 265 -2.84 6.07 9.44
CA GLY B 265 -2.98 5.50 8.12
C GLY B 265 -3.69 4.16 8.12
N ALA B 266 -3.46 3.35 9.14
CA ALA B 266 -4.10 2.03 9.16
C ALA B 266 -5.59 2.17 9.42
N LEU B 267 -5.96 3.00 10.40
CA LEU B 267 -7.37 3.19 10.71
C LEU B 267 -8.13 3.82 9.55
N SER B 268 -7.50 4.79 8.86
CA SER B 268 -8.19 5.40 7.73
C SER B 268 -8.22 4.45 6.53
N ALA B 269 -7.22 3.59 6.38
CA ALA B 269 -7.27 2.59 5.31
C ALA B 269 -8.41 1.59 5.52
N VAL B 270 -8.59 1.12 6.75
CA VAL B 270 -9.70 0.20 7.00
C VAL B 270 -11.03 0.90 6.79
N ALA B 271 -11.15 2.13 7.30
CA ALA B 271 -12.42 2.85 7.15
C ALA B 271 -12.73 3.13 5.70
N ALA B 272 -11.72 3.33 4.86
CA ALA B 272 -11.93 3.51 3.43
C ALA B 272 -12.60 2.31 2.78
N THR B 273 -12.42 1.10 3.33
CA THR B 273 -13.10 -0.07 2.79
C THR B 273 -14.49 -0.29 3.37
N LYS B 274 -14.93 0.53 4.34
CA LYS B 274 -16.26 0.40 4.95
C LYS B 274 -16.39 -0.88 5.76
N SER B 275 -15.28 -1.32 6.33
CA SER B 275 -15.25 -2.42 7.27
C SER B 275 -15.32 -1.86 8.68
N PRO B 276 -16.32 -2.23 9.48
CA PRO B 276 -16.43 -1.67 10.83
C PRO B 276 -15.29 -2.12 11.72
N ILE B 277 -14.68 -1.15 12.41
CA ILE B 277 -13.67 -1.38 13.42
C ILE B 277 -14.39 -1.41 14.77
N ILE B 278 -14.45 -2.58 15.39
CA ILE B 278 -15.27 -2.71 16.59
C ILE B 278 -14.48 -2.43 17.87
N PHE B 279 -13.20 -2.77 17.93
CA PHE B 279 -12.37 -2.46 19.09
C PHE B 279 -10.98 -2.10 18.61
N ILE B 280 -10.20 -1.44 19.48
CA ILE B 280 -8.80 -1.17 19.20
C ILE B 280 -7.94 -1.61 20.37
N GLY B 281 -6.73 -2.07 20.05
CA GLY B 281 -5.71 -2.41 21.03
C GLY B 281 -4.74 -1.27 21.29
N THR B 282 -4.76 -0.74 22.52
CA THR B 282 -4.04 0.48 22.89
C THR B 282 -2.87 0.21 23.83
N GLY B 283 -2.28 -0.97 23.74
CA GLY B 283 -1.18 -1.32 24.60
C GLY B 283 -1.17 -2.81 24.86
N GLU B 284 -0.32 -3.21 25.80
CA GLU B 284 -0.01 -4.60 26.03
C GLU B 284 -0.83 -5.26 27.13
N HIS B 285 -1.52 -4.50 27.97
CA HIS B 285 -2.21 -5.15 29.06
C HIS B 285 -3.61 -5.57 28.63
N ILE B 286 -4.20 -6.49 29.39
CA ILE B 286 -5.46 -7.09 29.00
C ILE B 286 -6.57 -6.05 28.96
N ASP B 287 -6.42 -4.97 29.74
CA ASP B 287 -7.37 -3.87 29.75
C ASP B 287 -6.99 -2.74 28.80
N ASP B 288 -5.90 -2.87 28.03
CA ASP B 288 -5.56 -1.89 26.99
C ASP B 288 -6.32 -2.22 25.72
N PHE B 289 -7.63 -1.99 25.79
CA PHE B 289 -8.53 -2.56 24.81
C PHE B 289 -9.87 -1.89 25.00
N GLU B 290 -10.49 -1.39 23.92
CA GLU B 290 -11.71 -0.62 24.09
C GLU B 290 -12.49 -0.64 22.79
N PRO B 291 -13.82 -0.54 22.86
CA PRO B 291 -14.60 -0.34 21.64
C PRO B 291 -14.17 0.94 20.94
N PHE B 292 -14.18 0.89 19.61
CA PHE B 292 -13.73 2.00 18.77
C PHE B 292 -14.93 2.92 18.56
N LYS B 293 -14.94 4.03 19.29
CA LYS B 293 -15.95 5.08 19.16
C LYS B 293 -15.25 6.27 18.50
N THR B 294 -15.59 6.57 17.25
CA THR B 294 -14.77 7.45 16.45
C THR B 294 -14.81 8.89 16.97
N GLN B 295 -15.98 9.34 17.41
CA GLN B 295 -16.11 10.73 17.85
C GLN B 295 -15.32 11.00 19.13
N PRO B 296 -15.47 10.24 20.23
CA PRO B 296 -14.57 10.48 21.38
C PRO B 296 -13.10 10.15 21.09
N PHE B 297 -12.82 9.20 20.17
CA PHE B 297 -11.44 8.93 19.78
C PHE B 297 -10.77 10.17 19.19
N ILE B 298 -11.41 10.82 18.20
CA ILE B 298 -10.81 12.04 17.66
C ILE B 298 -10.88 13.19 18.66
N SER B 299 -11.94 13.25 19.48
CA SER B 299 -12.08 14.38 20.40
C SER B 299 -10.94 14.40 21.41
N LYS B 300 -10.50 13.24 21.89
CA LYS B 300 -9.37 13.24 22.80
C LYS B 300 -8.04 13.37 22.08
N LEU B 301 -7.99 13.03 20.80
CA LEU B 301 -6.83 13.35 19.97
C LEU B 301 -6.58 14.86 19.95
N LEU B 302 -7.66 15.66 19.78
CA LEU B 302 -7.62 17.12 19.70
C LEU B 302 -7.69 17.77 21.08
N GLY B 303 -8.63 17.32 21.89
CA GLY B 303 -8.56 17.59 23.30
C GLY B 303 -7.55 16.61 23.85
P PO4 C . -4.23 -2.94 -21.70
O1 PO4 C . -3.78 -1.75 -20.90
O2 PO4 C . -5.19 -2.47 -22.76
O3 PO4 C . -4.95 -3.95 -20.82
O4 PO4 C . -3.01 -3.59 -22.30
MG MG D . 17.36 3.00 -3.79
P PO4 E . 0.91 -13.35 16.68
O1 PO4 E . 1.29 -12.23 17.64
O2 PO4 E . 1.28 -12.97 15.22
O3 PO4 E . -0.57 -13.62 16.84
O4 PO4 E . 1.67 -14.60 17.09
MG MG F . -15.09 7.42 5.87
#